data_7QBP
#
_entry.id   7QBP
#
_cell.length_a   103.173
_cell.length_b   103.173
_cell.length_c   61.574
_cell.angle_alpha   90.000
_cell.angle_beta   90.000
_cell.angle_gamma   90.000
#
_symmetry.space_group_name_H-M   'P 43 21 2'
#
loop_
_entity.id
_entity.type
_entity.pdbx_description
1 polymer 'R2-like ligand binding oxidase'
2 non-polymer 'MANGANESE (III) ION'
3 non-polymer 'FE (III) ION'
4 non-polymer 'PALMITIC ACID'
5 non-polymer 'SULFATE ION'
6 water water
#
_entity_poly.entity_id   1
_entity_poly.type   'polypeptide(L)'
_entity_poly.pdbx_seq_one_letter_code
;MGSSHHHHHHSQDQTSTATFREDFHSLRAGGLNWDSLPLRLFGKGNAKFWDPADIDFTRDAEDWQGLTEEERRSVAMLCS
QFIAGEEAVTQDLQPFMAAMAAEGRFGDEMYLTQFCFEEAKHTQVFRLWMDAVGLTGDLHSHVAENPGYRAIFYEELPRS
LNALHDDPSPANQVRASVTYNHVVEGTLALTGYFAWQKICRSRGILPGMQEVVRRIGDDERRHMAWGTFTCRRHVAADES
NWDVVQEQMQHLLPLAVTQIQWRPEDAPEETPFRLDIDELAAYASDRAGRRLGAISAARGVPVEQIDVDASPEQLEDQFG
VEDAAALEKA
;
_entity_poly.pdbx_strand_id   A
#
loop_
_chem_comp.id
_chem_comp.type
_chem_comp.name
_chem_comp.formula
FE non-polymer 'FE (III) ION' 'Fe 3'
MN3 non-polymer 'MANGANESE (III) ION' 'Mn 3'
PLM non-polymer 'PALMITIC ACID' 'C16 H32 O2'
SO4 non-polymer 'SULFATE ION' 'O4 S -2'
#
# COMPACT_ATOMS: atom_id res chain seq x y z
N THR A 19 -17.46 -21.74 22.43
CA THR A 19 -17.92 -21.30 21.08
C THR A 19 -16.81 -20.56 20.31
N PHE A 20 -15.52 -20.82 20.54
CA PHE A 20 -14.49 -19.97 19.92
C PHE A 20 -13.47 -20.69 19.06
N ARG A 21 -12.97 -21.81 19.53
CA ARG A 21 -11.89 -22.52 18.83
C ARG A 21 -12.16 -24.00 19.02
N GLU A 22 -11.98 -24.78 17.98
CA GLU A 22 -12.06 -26.22 18.14
C GLU A 22 -10.86 -27.02 17.64
N ASP A 23 -9.90 -26.41 16.97
CA ASP A 23 -8.67 -27.11 16.59
C ASP A 23 -7.59 -26.07 16.30
N PHE A 24 -6.42 -26.55 15.88
CA PHE A 24 -5.25 -25.73 15.60
C PHE A 24 -4.67 -26.15 14.26
N HIS A 25 -4.51 -25.19 13.37
CA HIS A 25 -3.93 -25.52 12.07
C HIS A 25 -2.55 -26.11 12.23
N SER A 26 -1.81 -25.63 13.22
CA SER A 26 -0.42 -26.02 13.37
C SER A 26 -0.23 -27.44 13.91
N LEU A 27 -1.30 -28.08 14.41
CA LEU A 27 -1.27 -29.46 14.91
C LEU A 27 -1.95 -30.44 13.95
N ARG A 28 -2.37 -29.98 12.79
CA ARG A 28 -2.93 -30.90 11.84
C ARG A 28 -1.85 -31.71 11.17
N ALA A 29 -2.25 -32.87 10.67
CA ALA A 29 -1.29 -33.70 9.95
C ALA A 29 -0.80 -32.89 8.76
N GLY A 30 0.51 -32.96 8.52
CA GLY A 30 1.16 -32.22 7.45
C GLY A 30 1.53 -30.77 7.85
N GLY A 31 1.20 -30.33 9.05
CA GLY A 31 1.64 -29.04 9.56
C GLY A 31 1.17 -27.92 8.66
N LEU A 32 2.05 -26.92 8.52
CA LEU A 32 1.78 -25.77 7.67
C LEU A 32 2.41 -25.98 6.31
N ASN A 33 1.74 -25.50 5.28
CA ASN A 33 2.17 -25.70 3.91
C ASN A 33 3.12 -24.59 3.50
N TRP A 34 4.42 -24.85 3.68
CA TRP A 34 5.42 -23.83 3.39
C TRP A 34 5.46 -23.44 1.94
N ASP A 35 4.88 -24.24 1.03
CA ASP A 35 4.86 -23.88 -0.37
C ASP A 35 3.75 -22.91 -0.71
N SER A 36 2.86 -22.64 0.23
CA SER A 36 1.79 -21.70 -0.04
C SER A 36 2.37 -20.30 -0.29
N LEU A 37 1.72 -19.55 -1.15
CA LEU A 37 2.15 -18.18 -1.43
C LEU A 37 2.29 -17.36 -0.13
N PRO A 38 1.32 -17.29 0.77
CA PRO A 38 1.51 -16.43 1.95
C PRO A 38 2.68 -16.84 2.82
N LEU A 39 2.92 -18.13 2.95
CA LEU A 39 4.03 -18.57 3.77
C LEU A 39 5.35 -18.37 3.07
N ARG A 40 5.40 -18.48 1.75
CA ARG A 40 6.63 -18.11 1.06
C ARG A 40 6.93 -16.62 1.26
N LEU A 41 5.90 -15.78 1.19
CA LEU A 41 6.12 -14.35 1.41
C LEU A 41 6.57 -14.08 2.83
N PHE A 42 5.97 -14.78 3.81
CA PHE A 42 6.37 -14.63 5.21
C PHE A 42 7.86 -14.91 5.36
N GLY A 43 8.31 -16.01 4.76
CA GLY A 43 9.72 -16.34 4.83
C GLY A 43 10.61 -15.31 4.18
N LYS A 44 10.17 -14.76 3.05
CA LYS A 44 10.95 -13.73 2.37
C LYS A 44 11.03 -12.47 3.21
N GLY A 45 9.92 -12.09 3.86
CA GLY A 45 9.90 -10.94 4.69
C GLY A 45 10.82 -11.09 5.90
N ASN A 46 10.94 -12.30 6.41
CA ASN A 46 11.89 -12.52 7.50
C ASN A 46 13.31 -12.41 7.01
N ALA A 47 13.57 -12.93 5.83
CA ALA A 47 14.94 -12.86 5.30
C ALA A 47 15.34 -11.43 4.94
N LYS A 48 14.38 -10.58 4.58
CA LYS A 48 14.64 -9.23 4.13
C LYS A 48 14.33 -8.19 5.20
N PHE A 49 14.22 -8.59 6.47
CA PHE A 49 13.89 -7.63 7.51
C PHE A 49 14.95 -6.52 7.60
N TRP A 50 14.50 -5.31 7.81
CA TRP A 50 15.36 -4.15 7.99
C TRP A 50 14.78 -3.30 9.12
N ASP A 51 15.67 -2.63 9.83
CA ASP A 51 15.30 -1.79 10.96
C ASP A 51 15.44 -0.32 10.57
N PRO A 52 14.36 0.46 10.67
CA PRO A 52 14.44 1.90 10.45
C PRO A 52 15.53 2.58 11.24
N ALA A 53 15.84 2.11 12.45
CA ALA A 53 16.83 2.76 13.28
C ALA A 53 18.22 2.70 12.70
N ASP A 54 18.48 1.83 11.73
CA ASP A 54 19.79 1.70 11.13
C ASP A 54 20.03 2.69 10.01
N ILE A 55 19.07 3.53 9.63
CA ILE A 55 19.26 4.44 8.52
C ILE A 55 19.70 5.79 9.10
N ASP A 56 20.81 6.33 8.60
CA ASP A 56 21.29 7.65 9.02
C ASP A 56 20.65 8.76 8.20
N PHE A 57 19.94 9.67 8.87
CA PHE A 57 19.26 10.77 8.19
C PHE A 57 19.99 12.10 8.33
N THR A 58 21.24 12.08 8.82
CA THR A 58 21.92 13.34 9.08
C THR A 58 22.17 14.12 7.78
N ARG A 59 22.48 13.42 6.68
CA ARG A 59 22.75 14.10 5.41
C ARG A 59 21.44 14.62 4.84
N ASP A 60 20.33 13.92 5.10
CA ASP A 60 19.04 14.42 4.64
C ASP A 60 18.69 15.72 5.33
N ALA A 61 19.00 15.80 6.62
CA ALA A 61 18.73 17.05 7.31
C ALA A 61 19.53 18.21 6.72
N GLU A 62 20.78 17.94 6.32
CA GLU A 62 21.58 19.00 5.70
C GLU A 62 20.99 19.36 4.34
N ASP A 63 20.59 18.36 3.56
CA ASP A 63 20.02 18.66 2.25
C ASP A 63 18.72 19.46 2.37
N TRP A 64 17.93 19.11 3.39
CA TRP A 64 16.67 19.81 3.61
C TRP A 64 16.90 21.30 3.75
N GLN A 65 17.97 21.69 4.47
CA GLN A 65 18.25 23.11 4.65
C GLN A 65 18.59 23.83 3.33
N GLY A 66 19.10 23.10 2.33
CA GLY A 66 19.43 23.72 1.06
C GLY A 66 18.27 23.82 0.08
N LEU A 67 17.14 23.23 0.38
CA LEU A 67 16.00 23.31 -0.52
C LEU A 67 15.33 24.67 -0.37
N THR A 68 14.61 25.08 -1.41
CA THR A 68 13.83 26.31 -1.31
C THR A 68 12.60 26.03 -0.47
N GLU A 69 11.89 27.09 -0.09
CA GLU A 69 10.66 26.90 0.67
C GLU A 69 9.65 26.11 -0.12
N GLU A 70 9.48 26.39 -1.42
N GLU A 70 9.53 26.39 -1.42
CA GLU A 70 8.46 25.64 -2.17
CA GLU A 70 8.56 25.70 -2.25
C GLU A 70 8.87 24.19 -2.28
C GLU A 70 8.89 24.25 -2.37
N GLU A 71 10.17 23.92 -2.45
CA GLU A 71 10.60 22.54 -2.53
C GLU A 71 10.31 21.83 -1.22
N ARG A 72 10.60 22.47 -0.08
CA ARG A 72 10.25 21.84 1.21
C ARG A 72 8.77 21.58 1.31
N ARG A 73 7.94 22.51 0.84
CA ARG A 73 6.50 22.30 0.96
C ARG A 73 6.08 21.08 0.16
N SER A 74 6.64 20.91 -1.05
CA SER A 74 6.26 19.75 -1.88
C SER A 74 6.74 18.46 -1.25
N VAL A 75 7.97 18.44 -0.72
CA VAL A 75 8.46 17.25 -0.06
C VAL A 75 7.65 16.93 1.19
N ALA A 76 7.31 17.95 1.98
CA ALA A 76 6.47 17.73 3.15
C ALA A 76 5.13 17.16 2.76
N MET A 77 4.54 17.67 1.67
CA MET A 77 3.25 17.13 1.21
C MET A 77 3.36 15.65 0.85
N LEU A 78 4.39 15.28 0.07
CA LEU A 78 4.57 13.88 -0.32
C LEU A 78 4.82 13.02 0.90
N CYS A 79 5.68 13.46 1.80
CA CYS A 79 5.97 12.69 3.00
C CYS A 79 4.73 12.54 3.87
N SER A 80 3.94 13.61 4.02
CA SER A 80 2.71 13.55 4.82
C SER A 80 1.70 12.58 4.23
N GLN A 81 1.53 12.62 2.91
CA GLN A 81 0.65 11.67 2.27
C GLN A 81 1.12 10.24 2.54
N PHE A 82 2.43 9.99 2.47
CA PHE A 82 2.95 8.68 2.76
C PHE A 82 2.72 8.26 4.19
N ILE A 83 3.14 9.05 5.16
CA ILE A 83 3.08 8.58 6.53
C ILE A 83 1.66 8.39 6.97
N ALA A 84 0.76 9.30 6.59
CA ALA A 84 -0.65 9.10 6.92
C ALA A 84 -1.19 7.84 6.25
N GLY A 85 -0.72 7.52 5.04
CA GLY A 85 -1.15 6.33 4.38
C GLY A 85 -0.64 5.07 5.08
N GLU A 86 0.61 5.11 5.53
CA GLU A 86 1.19 3.97 6.28
C GLU A 86 0.42 3.77 7.58
N GLU A 87 0.06 4.84 8.26
CA GLU A 87 -0.76 4.75 9.45
C GLU A 87 -2.13 4.18 9.13
N ALA A 88 -2.74 4.65 8.05
CA ALA A 88 -4.06 4.18 7.66
C ALA A 88 -4.02 2.67 7.41
N VAL A 89 -3.07 2.18 6.63
CA VAL A 89 -3.08 0.78 6.29
C VAL A 89 -2.74 -0.05 7.51
N THR A 90 -1.86 0.44 8.39
CA THR A 90 -1.57 -0.28 9.62
C THR A 90 -2.87 -0.57 10.36
N GLN A 91 -3.75 0.41 10.46
CA GLN A 91 -5.03 0.21 11.13
C GLN A 91 -6.01 -0.59 10.29
N ASP A 92 -6.10 -0.28 9.03
CA ASP A 92 -7.21 -0.76 8.22
C ASP A 92 -6.98 -2.17 7.66
N LEU A 93 -5.77 -2.69 7.72
CA LEU A 93 -5.56 -4.07 7.29
C LEU A 93 -6.17 -5.04 8.27
N GLN A 94 -6.34 -4.66 9.52
CA GLN A 94 -6.63 -5.63 10.54
C GLN A 94 -7.90 -6.45 10.26
N PRO A 95 -9.00 -5.90 9.74
CA PRO A 95 -10.15 -6.76 9.42
C PRO A 95 -9.83 -7.87 8.45
N PHE A 96 -8.85 -7.69 7.58
CA PHE A 96 -8.47 -8.81 6.71
C PHE A 96 -7.91 -9.99 7.51
N MET A 97 -7.18 -9.72 8.59
CA MET A 97 -6.62 -10.79 9.43
C MET A 97 -7.79 -11.61 9.97
N ALA A 98 -8.83 -10.93 10.45
CA ALA A 98 -9.98 -11.62 11.01
C ALA A 98 -10.75 -12.37 9.93
N ALA A 99 -10.78 -11.82 8.73
CA ALA A 99 -11.41 -12.54 7.63
C ALA A 99 -10.67 -13.84 7.33
N MET A 100 -9.35 -13.84 7.39
CA MET A 100 -8.60 -15.06 7.08
C MET A 100 -8.82 -16.04 8.22
N ALA A 101 -8.95 -15.53 9.45
CA ALA A 101 -9.33 -16.43 10.55
C ALA A 101 -10.68 -17.09 10.29
N ALA A 102 -11.62 -16.33 9.75
CA ALA A 102 -12.93 -16.92 9.42
C ALA A 102 -12.87 -17.92 8.25
N GLU A 103 -12.15 -17.57 7.18
CA GLU A 103 -11.92 -18.49 6.09
C GLU A 103 -11.15 -19.75 6.56
N GLY A 104 -10.58 -19.80 7.79
CA GLY A 104 -9.69 -20.90 8.20
C GLY A 104 -8.34 -20.89 7.52
N ARG A 105 -7.90 -19.73 7.06
CA ARG A 105 -6.70 -19.64 6.23
C ARG A 105 -5.54 -19.13 7.07
N PHE A 106 -4.96 -20.04 7.83
CA PHE A 106 -4.02 -19.61 8.86
C PHE A 106 -2.69 -19.13 8.24
N GLY A 107 -2.24 -19.71 7.14
CA GLY A 107 -1.04 -19.18 6.49
C GLY A 107 -1.23 -17.75 6.04
N ASP A 108 -2.40 -17.44 5.47
CA ASP A 108 -2.68 -16.05 5.10
C ASP A 108 -2.74 -15.15 6.33
N GLU A 109 -3.33 -15.65 7.44
CA GLU A 109 -3.35 -14.87 8.67
C GLU A 109 -1.93 -14.58 9.14
N MET A 110 -1.08 -15.59 9.17
CA MET A 110 0.31 -15.36 9.54
C MET A 110 0.95 -14.31 8.65
N TYR A 111 0.78 -14.42 7.34
CA TYR A 111 1.36 -13.43 6.47
C TYR A 111 0.85 -12.04 6.83
N LEU A 112 -0.46 -11.89 7.06
CA LEU A 112 -1.00 -10.57 7.33
C LEU A 112 -0.45 -10.00 8.62
N THR A 113 -0.06 -10.84 9.59
CA THR A 113 0.59 -10.26 10.77
C THR A 113 1.91 -9.60 10.38
N GLN A 114 2.71 -10.22 9.51
CA GLN A 114 3.94 -9.60 9.08
C GLN A 114 3.66 -8.32 8.28
N PHE A 115 2.69 -8.40 7.38
CA PHE A 115 2.26 -7.26 6.54
C PHE A 115 1.93 -6.08 7.46
N CYS A 116 1.05 -6.30 8.42
CA CYS A 116 0.62 -5.22 9.29
CA CYS A 116 0.61 -5.21 9.29
C CYS A 116 1.78 -4.61 10.06
N PHE A 117 2.66 -5.47 10.64
CA PHE A 117 3.84 -5.00 11.33
C PHE A 117 4.71 -4.18 10.38
N GLU A 118 4.87 -4.63 9.13
CA GLU A 118 5.69 -3.91 8.18
C GLU A 118 5.14 -2.51 7.93
N GLU A 119 3.81 -2.35 7.91
CA GLU A 119 3.22 -1.05 7.76
C GLU A 119 3.46 -0.17 8.97
N ALA A 120 3.42 -0.75 10.18
CA ALA A 120 3.78 0.01 11.38
C ALA A 120 5.24 0.46 11.27
N LYS A 121 6.09 -0.41 10.77
CA LYS A 121 7.51 -0.07 10.57
C LYS A 121 7.70 0.99 9.52
N HIS A 122 6.90 0.99 8.47
CA HIS A 122 6.94 2.09 7.50
C HIS A 122 6.52 3.39 8.16
N THR A 123 5.48 3.34 8.99
CA THR A 123 5.08 4.54 9.72
C THR A 123 6.24 5.06 10.53
N GLN A 124 6.91 4.15 11.26
CA GLN A 124 8.07 4.52 12.05
C GLN A 124 9.15 5.19 11.20
N VAL A 125 9.51 4.62 10.08
CA VAL A 125 10.64 5.14 9.32
C VAL A 125 10.37 6.54 8.80
N PHE A 126 9.15 6.77 8.27
CA PHE A 126 8.82 8.12 7.86
C PHE A 126 8.83 9.07 9.03
N ARG A 127 8.35 8.63 10.17
CA ARG A 127 8.34 9.52 11.32
C ARG A 127 9.74 9.90 11.75
N LEU A 128 10.66 8.94 11.71
CA LEU A 128 12.05 9.22 12.05
C LEU A 128 12.68 10.18 11.06
N TRP A 129 12.36 10.03 9.78
CA TRP A 129 12.90 10.95 8.78
C TRP A 129 12.36 12.36 9.04
N MET A 130 11.06 12.45 9.28
CA MET A 130 10.47 13.76 9.56
C MET A 130 11.10 14.42 10.77
N ASP A 131 11.32 13.66 11.82
CA ASP A 131 11.97 14.19 13.00
C ASP A 131 13.33 14.72 12.66
N ALA A 132 14.10 13.96 11.86
CA ALA A 132 15.47 14.34 11.51
C ALA A 132 15.52 15.65 10.75
N VAL A 133 14.57 15.89 9.83
CA VAL A 133 14.60 17.14 9.05
C VAL A 133 13.84 18.26 9.71
N GLY A 134 13.14 18.00 10.79
CA GLY A 134 12.43 19.05 11.51
C GLY A 134 10.97 19.26 11.13
N LEU A 135 10.35 18.29 10.51
CA LEU A 135 8.92 18.34 10.20
C LEU A 135 8.14 17.82 11.38
N THR A 136 8.07 18.66 12.44
CA THR A 136 7.50 18.26 13.71
C THR A 136 6.31 19.08 14.14
N GLY A 137 5.78 19.94 13.30
CA GLY A 137 4.52 20.61 13.59
C GLY A 137 3.34 19.78 13.08
N ASP A 138 2.16 20.33 13.23
CA ASP A 138 1.02 19.64 12.69
C ASP A 138 1.01 19.71 11.19
N LEU A 139 0.85 18.54 10.53
CA LEU A 139 0.96 18.44 9.10
C LEU A 139 -0.34 18.01 8.42
N HIS A 140 -1.46 18.05 9.14
CA HIS A 140 -2.70 17.63 8.54
C HIS A 140 -3.09 18.44 7.32
N SER A 141 -2.68 19.70 7.22
CA SER A 141 -3.08 20.51 6.07
C SER A 141 -2.63 19.90 4.77
N HIS A 142 -1.62 19.03 4.81
CA HIS A 142 -1.11 18.42 3.61
C HIS A 142 -1.90 17.22 3.12
N VAL A 143 -2.84 16.68 3.91
CA VAL A 143 -3.66 15.58 3.47
C VAL A 143 -5.14 15.86 3.58
N ALA A 144 -5.52 16.66 4.58
CA ALA A 144 -6.95 16.81 4.94
C ALA A 144 -7.72 17.67 3.96
N GLU A 145 -6.99 18.45 3.17
CA GLU A 145 -7.59 19.40 2.24
C GLU A 145 -7.66 18.85 0.83
N ASN A 146 -7.18 17.64 0.63
CA ASN A 146 -7.12 17.04 -0.68
C ASN A 146 -8.30 16.10 -0.84
N PRO A 147 -9.29 16.44 -1.66
CA PRO A 147 -10.52 15.62 -1.71
C PRO A 147 -10.28 14.21 -2.14
N GLY A 148 -9.31 13.96 -3.01
CA GLY A 148 -9.02 12.59 -3.43
C GLY A 148 -8.38 11.80 -2.31
N TYR A 149 -7.40 12.40 -1.62
CA TYR A 149 -6.75 11.74 -0.49
C TYR A 149 -7.80 11.42 0.56
N ARG A 150 -8.64 12.40 0.89
CA ARG A 150 -9.66 12.21 1.96
C ARG A 150 -10.57 11.07 1.52
N ALA A 151 -11.05 11.10 0.30
CA ALA A 151 -11.98 10.05 -0.12
C ALA A 151 -11.37 8.69 0.06
N ILE A 152 -10.09 8.51 -0.30
CA ILE A 152 -9.48 7.18 -0.20
C ILE A 152 -9.15 6.82 1.23
N PHE A 153 -8.36 7.66 1.89
CA PHE A 153 -7.76 7.26 3.15
C PHE A 153 -8.64 7.53 4.35
N TYR A 154 -9.55 8.48 4.29
CA TYR A 154 -10.48 8.70 5.39
C TYR A 154 -11.76 7.90 5.25
N GLU A 155 -12.13 7.49 4.02
CA GLU A 155 -13.46 6.95 3.74
C GLU A 155 -13.39 5.61 3.07
N GLU A 156 -12.91 5.53 1.84
CA GLU A 156 -13.07 4.29 1.07
C GLU A 156 -12.23 3.13 1.58
N LEU A 157 -11.01 3.39 2.00
CA LEU A 157 -10.17 2.33 2.53
C LEU A 157 -10.75 1.76 3.81
N PRO A 158 -11.05 2.56 4.85
CA PRO A 158 -11.60 1.93 6.04
C PRO A 158 -12.99 1.34 5.78
N ARG A 159 -13.83 1.93 4.90
CA ARG A 159 -15.17 1.37 4.67
C ARG A 159 -15.03 -0.02 4.05
N SER A 160 -14.19 -0.13 3.03
CA SER A 160 -14.06 -1.39 2.31
CA SER A 160 -14.07 -1.39 2.31
CA SER A 160 -14.06 -1.39 2.31
C SER A 160 -13.47 -2.48 3.21
N LEU A 161 -12.50 -2.11 4.04
CA LEU A 161 -11.85 -3.13 4.86
C LEU A 161 -12.72 -3.52 6.03
N ASN A 162 -13.40 -2.55 6.64
CA ASN A 162 -14.27 -2.87 7.75
C ASN A 162 -15.52 -3.66 7.34
N ALA A 163 -15.90 -3.58 6.07
CA ALA A 163 -17.03 -4.39 5.59
C ALA A 163 -16.75 -5.88 5.74
N LEU A 164 -15.49 -6.27 5.84
CA LEU A 164 -15.18 -7.68 6.06
C LEU A 164 -15.57 -8.22 7.44
N HIS A 165 -15.80 -7.35 8.42
CA HIS A 165 -16.18 -7.84 9.74
C HIS A 165 -17.52 -8.57 9.70
N ASP A 166 -18.54 -7.93 9.11
CA ASP A 166 -19.87 -8.53 9.09
C ASP A 166 -20.03 -9.46 7.91
N ASP A 167 -19.15 -9.35 6.90
CA ASP A 167 -19.33 -10.17 5.71
C ASP A 167 -18.01 -10.42 4.99
N PRO A 168 -17.21 -11.45 5.40
CA PRO A 168 -15.92 -11.70 4.76
C PRO A 168 -16.07 -12.54 3.47
N SER A 169 -17.08 -12.25 2.67
CA SER A 169 -17.33 -12.95 1.43
C SER A 169 -16.20 -12.74 0.44
N PRO A 170 -16.02 -13.69 -0.47
CA PRO A 170 -15.08 -13.44 -1.56
C PRO A 170 -15.26 -12.08 -2.28
N ALA A 171 -16.46 -11.68 -2.59
CA ALA A 171 -16.63 -10.39 -3.26
C ALA A 171 -16.13 -9.27 -2.37
N ASN A 172 -16.47 -9.27 -1.06
CA ASN A 172 -15.98 -8.20 -0.22
C ASN A 172 -14.46 -8.28 -0.03
N GLN A 173 -13.89 -9.48 0.00
CA GLN A 173 -12.45 -9.61 0.06
C GLN A 173 -11.78 -9.03 -1.17
N VAL A 174 -12.35 -9.28 -2.34
CA VAL A 174 -11.77 -8.72 -3.57
C VAL A 174 -11.90 -7.21 -3.53
N ARG A 175 -13.05 -6.68 -3.12
CA ARG A 175 -13.15 -5.22 -3.07
CA ARG A 175 -13.16 -5.22 -3.07
C ARG A 175 -12.13 -4.64 -2.11
N ALA A 176 -11.94 -5.27 -0.96
CA ALA A 176 -10.98 -4.77 0.03
C ALA A 176 -9.57 -4.86 -0.50
N SER A 177 -9.21 -5.98 -1.13
CA SER A 177 -7.87 -6.13 -1.66
C SER A 177 -7.63 -5.17 -2.83
N VAL A 178 -8.60 -4.97 -3.71
CA VAL A 178 -8.42 -3.95 -4.74
C VAL A 178 -8.14 -2.60 -4.11
N THR A 179 -8.93 -2.24 -3.07
CA THR A 179 -8.73 -0.94 -2.45
C THR A 179 -7.34 -0.83 -1.83
N TYR A 180 -6.97 -1.82 -1.02
CA TYR A 180 -5.74 -1.79 -0.25
C TYR A 180 -4.54 -2.08 -1.13
N ASN A 181 -4.51 -3.24 -1.75
CA ASN A 181 -3.31 -3.71 -2.41
C ASN A 181 -3.16 -3.20 -3.82
N HIS A 182 -4.24 -3.02 -4.53
CA HIS A 182 -4.14 -2.68 -5.96
C HIS A 182 -4.27 -1.20 -6.24
N VAL A 183 -4.88 -0.46 -5.32
CA VAL A 183 -4.96 1.01 -5.45
C VAL A 183 -4.06 1.70 -4.47
N VAL A 184 -4.29 1.53 -3.17
CA VAL A 184 -3.44 2.23 -2.19
C VAL A 184 -1.97 1.88 -2.37
N GLU A 185 -1.65 0.58 -2.46
CA GLU A 185 -0.28 0.13 -2.65
C GLU A 185 0.11 0.14 -4.11
N GLY A 186 -0.63 -0.60 -4.92
CA GLY A 186 -0.21 -0.94 -6.26
C GLY A 186 -0.45 0.12 -7.32
N THR A 187 -1.08 1.23 -6.96
CA THR A 187 -1.26 2.40 -7.81
C THR A 187 -0.60 3.59 -7.14
N LEU A 188 -1.08 3.98 -5.96
CA LEU A 188 -0.64 5.22 -5.33
C LEU A 188 0.76 5.09 -4.76
N ALA A 189 1.03 4.07 -3.91
CA ALA A 189 2.36 4.01 -3.33
C ALA A 189 3.41 3.93 -4.42
N LEU A 190 3.17 3.11 -5.44
CA LEU A 190 4.15 2.96 -6.52
C LEU A 190 4.39 4.29 -7.23
N THR A 191 3.34 5.08 -7.42
CA THR A 191 3.51 6.41 -8.03
C THR A 191 4.29 7.29 -7.09
N GLY A 192 4.03 7.18 -5.79
CA GLY A 192 4.82 7.94 -4.84
C GLY A 192 6.29 7.60 -4.84
N TYR A 193 6.62 6.30 -5.00
CA TYR A 193 8.02 5.93 -5.08
C TYR A 193 8.66 6.55 -6.32
N PHE A 194 7.93 6.56 -7.43
CA PHE A 194 8.40 7.19 -8.65
C PHE A 194 8.62 8.68 -8.44
N ALA A 195 7.71 9.34 -7.74
CA ALA A 195 7.90 10.76 -7.45
C ALA A 195 9.14 10.97 -6.60
N TRP A 196 9.34 10.15 -5.55
CA TRP A 196 10.53 10.29 -4.73
C TRP A 196 11.78 10.12 -5.58
N GLN A 197 11.76 9.16 -6.47
CA GLN A 197 12.93 8.93 -7.32
C GLN A 197 13.21 10.14 -8.18
N LYS A 198 12.15 10.74 -8.75
CA LYS A 198 12.32 11.96 -9.55
C LYS A 198 12.89 13.08 -8.69
N ILE A 199 12.41 13.25 -7.47
CA ILE A 199 12.87 14.33 -6.62
C ILE A 199 14.33 14.12 -6.25
N CYS A 200 14.69 12.90 -5.81
CA CYS A 200 15.98 12.70 -5.20
C CYS A 200 17.08 12.41 -6.19
N ARG A 201 16.81 11.68 -7.26
CA ARG A 201 17.85 11.25 -8.17
C ARG A 201 18.31 12.39 -9.07
N SER A 202 17.40 13.23 -9.54
CA SER A 202 17.72 14.38 -10.40
C SER A 202 18.69 15.32 -9.72
N ARG A 203 18.71 15.31 -8.40
CA ARG A 203 19.33 16.34 -7.61
C ARG A 203 20.41 15.80 -6.69
N GLY A 204 20.53 14.48 -6.54
CA GLY A 204 21.42 13.88 -5.59
C GLY A 204 21.16 14.30 -4.17
N ILE A 205 19.92 14.25 -3.72
CA ILE A 205 19.58 14.72 -2.39
C ILE A 205 18.89 13.58 -1.66
N LEU A 206 18.84 13.68 -0.36
CA LEU A 206 18.06 12.84 0.56
C LEU A 206 18.43 11.37 0.40
N PRO A 207 19.70 11.03 0.58
CA PRO A 207 20.12 9.61 0.46
C PRO A 207 19.44 8.73 1.48
N GLY A 208 19.10 9.26 2.65
CA GLY A 208 18.36 8.46 3.61
C GLY A 208 17.00 8.09 3.05
N MET A 209 16.24 9.09 2.61
CA MET A 209 14.96 8.82 1.94
C MET A 209 15.11 7.90 0.75
N GLN A 210 16.20 8.02 -0.02
CA GLN A 210 16.35 7.07 -1.13
C GLN A 210 16.40 5.65 -0.60
N GLU A 211 17.12 5.44 0.51
CA GLU A 211 17.18 4.12 1.08
C GLU A 211 15.82 3.67 1.62
N VAL A 212 15.11 4.58 2.31
CA VAL A 212 13.76 4.28 2.79
C VAL A 212 12.91 3.77 1.65
N VAL A 213 12.90 4.52 0.53
CA VAL A 213 12.07 4.15 -0.62
C VAL A 213 12.45 2.79 -1.18
N ARG A 214 13.75 2.48 -1.23
CA ARG A 214 14.16 1.17 -1.69
C ARG A 214 13.60 0.07 -0.76
N ARG A 215 13.77 0.26 0.54
CA ARG A 215 13.36 -0.79 1.47
C ARG A 215 11.84 -0.92 1.58
N ILE A 216 11.11 0.18 1.67
CA ILE A 216 9.66 0.08 1.73
C ILE A 216 9.11 -0.52 0.43
N GLY A 217 9.73 -0.16 -0.69
CA GLY A 217 9.32 -0.70 -1.99
C GLY A 217 9.52 -2.20 -2.06
N ASP A 218 10.59 -2.69 -1.45
CA ASP A 218 10.85 -4.14 -1.39
C ASP A 218 9.72 -4.80 -0.62
N ASP A 219 9.36 -4.23 0.51
CA ASP A 219 8.25 -4.76 1.34
C ASP A 219 6.97 -4.70 0.52
N GLU A 220 6.73 -3.59 -0.17
CA GLU A 220 5.47 -3.41 -0.92
C GLU A 220 5.29 -4.46 -1.99
N ARG A 221 6.39 -4.93 -2.58
CA ARG A 221 6.20 -5.94 -3.59
C ARG A 221 5.62 -7.21 -3.01
N ARG A 222 5.94 -7.52 -1.74
CA ARG A 222 5.31 -8.67 -1.10
C ARG A 222 3.85 -8.38 -0.76
N HIS A 223 3.56 -7.17 -0.26
CA HIS A 223 2.20 -6.80 0.02
C HIS A 223 1.36 -6.95 -1.24
N MET A 224 1.89 -6.45 -2.35
CA MET A 224 1.15 -6.48 -3.62
C MET A 224 1.03 -7.92 -4.10
N ALA A 225 2.05 -8.74 -3.92
CA ALA A 225 1.94 -10.15 -4.29
C ALA A 225 0.84 -10.87 -3.51
N TRP A 226 0.71 -10.56 -2.23
CA TRP A 226 -0.38 -11.12 -1.45
C TRP A 226 -1.72 -10.67 -2.00
N GLY A 227 -1.86 -9.38 -2.30
CA GLY A 227 -3.10 -8.90 -2.83
C GLY A 227 -3.41 -9.52 -4.19
N THR A 228 -2.39 -9.70 -5.03
CA THR A 228 -2.60 -10.31 -6.33
C THR A 228 -3.07 -11.75 -6.16
N PHE A 229 -2.43 -12.49 -5.26
CA PHE A 229 -2.85 -13.83 -4.93
C PHE A 229 -4.28 -13.89 -4.43
N THR A 230 -4.64 -13.00 -3.52
CA THR A 230 -6.00 -13.00 -2.94
C THR A 230 -7.03 -12.79 -4.02
N CYS A 231 -6.82 -11.78 -4.86
CA CYS A 231 -7.80 -11.54 -5.91
C CYS A 231 -7.79 -12.69 -6.91
N ARG A 232 -6.61 -13.18 -7.28
CA ARG A 232 -6.57 -14.27 -8.25
C ARG A 232 -7.30 -15.50 -7.77
N ARG A 233 -7.11 -15.89 -6.51
CA ARG A 233 -7.77 -17.12 -6.07
C ARG A 233 -9.27 -16.97 -6.05
N HIS A 234 -9.77 -15.80 -5.72
CA HIS A 234 -11.21 -15.60 -5.74
C HIS A 234 -11.73 -15.54 -7.16
N VAL A 235 -10.99 -14.91 -8.06
CA VAL A 235 -11.40 -14.90 -9.49
C VAL A 235 -11.40 -16.30 -10.08
N ALA A 236 -10.38 -17.09 -9.75
CA ALA A 236 -10.31 -18.45 -10.24
C ALA A 236 -11.50 -19.27 -9.74
N ALA A 237 -11.88 -19.06 -8.48
CA ALA A 237 -13.00 -19.81 -7.93
C ALA A 237 -14.36 -19.41 -8.51
N ASP A 238 -14.51 -18.12 -8.85
CA ASP A 238 -15.82 -17.58 -9.26
C ASP A 238 -15.51 -16.35 -10.11
N GLU A 239 -15.56 -16.51 -11.42
CA GLU A 239 -15.13 -15.41 -12.25
CA GLU A 239 -15.13 -15.41 -12.27
C GLU A 239 -16.04 -14.19 -12.17
N SER A 240 -17.20 -14.30 -11.51
CA SER A 240 -17.94 -13.07 -11.21
C SER A 240 -17.07 -12.09 -10.41
N ASN A 241 -16.13 -12.60 -9.62
CA ASN A 241 -15.23 -11.73 -8.89
C ASN A 241 -14.33 -10.89 -9.78
N TRP A 242 -14.13 -11.30 -11.03
CA TRP A 242 -13.43 -10.41 -11.95
C TRP A 242 -14.23 -9.15 -12.21
N ASP A 243 -15.56 -9.29 -12.35
CA ASP A 243 -16.39 -8.11 -12.50
C ASP A 243 -16.29 -7.21 -11.28
N VAL A 244 -16.19 -7.79 -10.09
CA VAL A 244 -16.03 -7.01 -8.88
C VAL A 244 -14.71 -6.25 -8.86
N VAL A 245 -13.64 -6.92 -9.28
CA VAL A 245 -12.33 -6.26 -9.38
C VAL A 245 -12.41 -5.06 -10.30
N GLN A 246 -13.01 -5.22 -11.47
CA GLN A 246 -13.06 -4.12 -12.42
C GLN A 246 -13.92 -3.01 -11.91
N GLU A 247 -15.03 -3.34 -11.26
CA GLU A 247 -15.94 -2.31 -10.75
C GLU A 247 -15.22 -1.49 -9.66
N GLN A 248 -14.53 -2.18 -8.74
CA GLN A 248 -13.89 -1.45 -7.66
C GLN A 248 -12.76 -0.58 -8.23
N MET A 249 -12.00 -1.09 -9.19
CA MET A 249 -10.93 -0.29 -9.76
C MET A 249 -11.49 0.91 -10.51
N GLN A 250 -12.61 0.74 -11.22
CA GLN A 250 -13.19 1.85 -11.95
C GLN A 250 -13.70 2.91 -10.99
N HIS A 251 -14.18 2.48 -9.82
CA HIS A 251 -14.63 3.40 -8.80
C HIS A 251 -13.46 4.20 -8.20
N LEU A 252 -12.36 3.51 -7.91
CA LEU A 252 -11.28 4.11 -7.15
C LEU A 252 -10.26 4.87 -7.97
N LEU A 253 -9.96 4.40 -9.18
CA LEU A 253 -8.89 5.05 -9.92
C LEU A 253 -9.12 6.54 -10.11
N PRO A 254 -10.32 7.02 -10.41
CA PRO A 254 -10.52 8.47 -10.53
C PRO A 254 -10.16 9.20 -9.26
N LEU A 255 -10.45 8.60 -8.08
CA LEU A 255 -10.09 9.23 -6.82
C LEU A 255 -8.61 9.32 -6.65
N ALA A 256 -7.91 8.29 -7.07
CA ALA A 256 -6.44 8.27 -6.98
C ALA A 256 -5.86 9.34 -7.90
N VAL A 257 -6.39 9.44 -9.13
CA VAL A 257 -5.92 10.48 -10.03
C VAL A 257 -6.18 11.87 -9.45
N THR A 258 -7.37 12.08 -8.88
CA THR A 258 -7.68 13.36 -8.20
C THR A 258 -6.69 13.65 -7.08
N GLN A 259 -6.37 12.64 -6.29
CA GLN A 259 -5.42 12.83 -5.21
C GLN A 259 -4.10 13.32 -5.75
N ILE A 260 -3.62 12.72 -6.83
CA ILE A 260 -2.32 13.07 -7.39
C ILE A 260 -2.33 14.45 -7.99
N GLN A 261 -3.43 14.84 -8.61
CA GLN A 261 -3.51 16.11 -9.30
C GLN A 261 -3.81 17.28 -8.37
N TRP A 262 -4.17 17.01 -7.11
CA TRP A 262 -4.57 18.09 -6.23
C TRP A 262 -3.49 19.10 -6.00
N ARG A 263 -3.87 20.38 -5.90
CA ARG A 263 -2.88 21.40 -5.54
C ARG A 263 -3.46 22.21 -4.39
N PRO A 264 -2.68 22.55 -3.37
CA PRO A 264 -3.19 23.35 -2.27
C PRO A 264 -3.48 24.75 -2.75
N GLU A 265 -4.22 25.47 -1.92
CA GLU A 265 -4.43 26.89 -2.16
C GLU A 265 -3.08 27.61 -2.33
N ASP A 266 -2.08 27.24 -1.52
CA ASP A 266 -0.78 27.92 -1.55
C ASP A 266 0.11 27.45 -2.70
N ALA A 267 -0.44 26.82 -3.74
CA ALA A 267 0.39 25.99 -4.60
C ALA A 267 1.12 26.85 -5.64
N PRO A 268 2.38 26.57 -5.90
CA PRO A 268 3.09 27.30 -6.94
C PRO A 268 2.55 26.94 -8.33
N GLU A 269 2.68 27.89 -9.27
CA GLU A 269 2.28 27.65 -10.65
C GLU A 269 3.18 26.60 -11.29
N GLU A 270 4.47 26.63 -10.96
CA GLU A 270 5.42 25.64 -11.43
C GLU A 270 5.67 24.64 -10.31
N THR A 271 5.36 23.35 -10.56
CA THR A 271 5.58 22.35 -9.52
C THR A 271 7.08 22.21 -9.30
N PRO A 272 7.54 22.12 -8.06
CA PRO A 272 8.97 21.96 -7.84
C PRO A 272 9.56 20.67 -8.38
N PHE A 273 10.88 20.67 -8.52
CA PHE A 273 11.64 19.53 -8.94
C PHE A 273 11.36 19.16 -10.37
N ARG A 274 10.80 20.09 -11.12
CA ARG A 274 10.41 19.88 -12.51
C ARG A 274 9.41 18.72 -12.68
N LEU A 275 8.66 18.45 -11.62
CA LEU A 275 7.69 17.37 -11.70
C LEU A 275 6.51 17.80 -12.55
N ASP A 276 6.00 16.85 -13.27
CA ASP A 276 4.75 16.98 -13.98
C ASP A 276 3.71 16.11 -13.29
N ILE A 277 2.79 16.74 -12.55
CA ILE A 277 1.77 16.03 -11.79
C ILE A 277 0.90 15.20 -12.70
N ASP A 278 0.64 15.66 -13.93
CA ASP A 278 -0.18 14.90 -14.84
C ASP A 278 0.59 13.69 -15.38
N GLU A 279 1.92 13.76 -15.41
CA GLU A 279 2.71 12.57 -15.72
C GLU A 279 2.57 11.55 -14.61
N LEU A 280 2.62 12.00 -13.38
CA LEU A 280 2.40 11.10 -12.26
C LEU A 280 1.04 10.46 -12.35
N ALA A 281 0.00 11.23 -12.73
CA ALA A 281 -1.32 10.63 -12.86
C ALA A 281 -1.37 9.58 -13.96
N ALA A 282 -0.67 9.80 -15.08
CA ALA A 282 -0.63 8.83 -16.15
C ALA A 282 0.10 7.57 -15.72
N TYR A 283 1.22 7.75 -15.02
CA TYR A 283 1.95 6.61 -14.45
C TYR A 283 1.04 5.80 -13.54
N ALA A 284 0.28 6.48 -12.67
CA ALA A 284 -0.63 5.78 -11.78
C ALA A 284 -1.63 4.96 -12.58
N SER A 285 -2.22 5.55 -13.60
CA SER A 285 -3.17 4.78 -14.43
CA SER A 285 -3.17 4.78 -14.43
C SER A 285 -2.51 3.54 -15.02
N ASP A 286 -1.25 3.66 -15.49
CA ASP A 286 -0.54 2.50 -15.99
C ASP A 286 -0.31 1.43 -14.93
N ARG A 287 0.02 1.84 -13.70
CA ARG A 287 0.16 0.89 -12.61
C ARG A 287 -1.15 0.17 -12.37
N ALA A 288 -2.27 0.90 -12.35
CA ALA A 288 -3.56 0.28 -12.12
C ALA A 288 -3.87 -0.75 -13.20
N GLY A 289 -3.53 -0.41 -14.46
CA GLY A 289 -3.72 -1.36 -15.55
C GLY A 289 -2.90 -2.62 -15.37
N ARG A 290 -1.68 -2.48 -14.86
CA ARG A 290 -0.86 -3.64 -14.61
C ARG A 290 -1.47 -4.51 -13.50
N ARG A 291 -2.08 -3.90 -12.48
CA ARG A 291 -2.75 -4.68 -11.44
C ARG A 291 -3.88 -5.49 -12.05
N LEU A 292 -4.70 -4.84 -12.85
CA LEU A 292 -5.81 -5.55 -13.47
C LEU A 292 -5.28 -6.68 -14.34
N GLY A 293 -4.23 -6.44 -15.11
CA GLY A 293 -3.71 -7.47 -15.98
C GLY A 293 -3.19 -8.67 -15.21
N ALA A 294 -2.55 -8.42 -14.06
CA ALA A 294 -2.04 -9.52 -13.27
C ALA A 294 -3.17 -10.36 -12.75
N ILE A 295 -4.24 -9.72 -12.27
CA ILE A 295 -5.36 -10.45 -11.71
C ILE A 295 -6.12 -11.19 -12.79
N SER A 296 -6.23 -10.58 -13.98
CA SER A 296 -6.97 -11.18 -15.09
C SER A 296 -6.35 -12.52 -15.49
N ALA A 297 -5.04 -12.70 -15.26
CA ALA A 297 -4.41 -13.98 -15.61
C ALA A 297 -5.03 -15.21 -14.93
N ALA A 298 -5.73 -15.01 -13.83
CA ALA A 298 -6.37 -16.10 -13.14
C ALA A 298 -7.69 -16.52 -13.73
N ARG A 299 -8.24 -15.77 -14.69
CA ARG A 299 -9.51 -16.15 -15.27
C ARG A 299 -9.32 -17.44 -16.04
N GLY A 300 -10.09 -18.42 -15.69
CA GLY A 300 -10.04 -19.68 -16.36
C GLY A 300 -8.99 -20.65 -15.83
N VAL A 301 -8.24 -20.27 -14.81
CA VAL A 301 -7.26 -21.16 -14.20
C VAL A 301 -8.03 -21.89 -13.11
N PRO A 302 -7.88 -23.20 -12.96
CA PRO A 302 -8.48 -23.86 -11.81
C PRO A 302 -7.89 -23.32 -10.51
N VAL A 303 -8.75 -23.13 -9.52
CA VAL A 303 -8.31 -22.47 -8.31
C VAL A 303 -7.18 -23.22 -7.64
N GLU A 304 -7.17 -24.56 -7.74
CA GLU A 304 -6.14 -25.35 -7.07
C GLU A 304 -4.75 -25.11 -7.66
N GLN A 305 -4.63 -24.54 -8.85
CA GLN A 305 -3.33 -24.23 -9.41
C GLN A 305 -2.82 -22.87 -8.97
N ILE A 306 -3.67 -22.03 -8.39
CA ILE A 306 -3.27 -20.78 -7.74
C ILE A 306 -3.09 -20.97 -6.24
N ASP A 307 -4.02 -21.63 -5.59
CA ASP A 307 -4.14 -21.70 -4.14
C ASP A 307 -3.92 -23.16 -3.81
N VAL A 308 -2.65 -23.49 -3.55
CA VAL A 308 -2.36 -24.84 -3.08
C VAL A 308 -2.78 -25.03 -1.63
N ASP A 309 -2.94 -23.93 -0.90
CA ASP A 309 -3.53 -23.94 0.42
C ASP A 309 -2.55 -24.47 1.46
MN MN3 B . 3.73 0.73 3.55
FE FE C . 2.13 -1.83 1.92
C1 PLM D . 1.38 1.28 1.88
O1 PLM D . 2.36 1.66 2.39
O2 PLM D . 1.09 0.08 1.87
C2 PLM D . 0.43 2.38 1.45
C3 PLM D . 0.96 3.83 1.38
C4 PLM D . 0.20 4.79 0.56
C5 PLM D . 0.83 6.08 0.31
C6 PLM D . 0.20 7.02 -0.67
C7 PLM D . 1.16 8.06 -1.34
C8 PLM D . 0.71 8.59 -2.63
C9 PLM D . 1.62 9.53 -3.32
CA PLM D . 1.24 9.89 -4.78
CB PLM D . 2.03 10.99 -5.47
CC PLM D . 1.52 12.39 -5.03
CD PLM D . 2.03 13.55 -5.89
CE PLM D . 3.18 14.40 -5.26
CF PLM D . 3.34 15.79 -5.90
CG PLM D . 4.48 16.63 -5.31
H21 PLM D . -0.44 2.34 2.12
H22 PLM D . 0.04 2.09 0.46
H31 PLM D . 2.00 3.80 1.02
H32 PLM D . 1.04 4.22 2.40
H41 PLM D . -0.78 4.96 1.02
H42 PLM D . -0.02 4.33 -0.42
H51 PLM D . 1.87 5.89 0.01
H52 PLM D . 0.91 6.60 1.28
H61 PLM D . -0.62 7.55 -0.17
H62 PLM D . -0.28 6.42 -1.46
H71 PLM D . 2.15 7.60 -1.47
H72 PLM D . 1.31 8.90 -0.65
H81 PLM D . -0.26 9.08 -2.50
H82 PLM D . 0.52 7.74 -3.32
H91 PLM D . 2.64 9.12 -3.30
H92 PLM D . 1.67 10.47 -2.73
HA1 PLM D . 0.17 10.14 -4.81
HA2 PLM D . 1.33 8.97 -5.39
HB1 PLM D . 1.93 10.90 -6.57
HB2 PLM D . 3.09 10.90 -5.23
HC1 PLM D . 1.80 12.56 -3.99
HC2 PLM D . 0.42 12.39 -5.06
HD1 PLM D . 1.19 14.21 -6.13
HD2 PLM D . 2.38 13.15 -6.85
HE1 PLM D . 4.14 13.85 -5.35
HE2 PLM D . 3.00 14.51 -4.18
HF1 PLM D . 2.40 16.35 -5.80
HF2 PLM D . 3.52 15.67 -6.98
HG1 PLM D . 5.37 16.01 -5.15
HG2 PLM D . 4.20 17.06 -4.34
HG3 PLM D . 4.77 17.45 -5.97
S SO4 E . 4.43 -2.66 -12.16
O1 SO4 E . 4.15 -4.07 -12.07
O2 SO4 E . 4.79 -2.43 -13.59
O3 SO4 E . 3.26 -1.87 -11.79
O4 SO4 E . 5.53 -2.11 -11.36
#